data_7Q8Q
#
_entry.id   7Q8Q
#
_cell.length_a   92.75
_cell.length_b   92.75
_cell.length_c   128.09
_cell.angle_alpha   90.00
_cell.angle_beta   90.00
_cell.angle_gamma   90.00
#
_symmetry.space_group_name_H-M   'P 43 21 2'
#
loop_
_entity.id
_entity.type
_entity.pdbx_description
1 polymer 'Cathepsin L2'
2 polymer 'RLSAKP Peptide'
3 non-polymer (4S)-2-METHYL-2,4-PENTANEDIOL
4 non-polymer 'CHLORIDE ION'
5 water water
#
loop_
_entity_poly.entity_id
_entity_poly.type
_entity_poly.pdbx_seq_one_letter_code
_entity_poly.pdbx_strand_id
1 'polypeptide(L)'
;LPKSVDWRKKGYVTPVKNQKQCGSSWAFSATGALEGQMFRKTGKLVSLSEQNLVDCSRPQGNQGCNGGFMARAFQYVKEN
GGLDSEESYPYVAVDEICKYRPENSVAQDTGFTVVAPGKEKALMKAVATVGPISVAMDAGHSSFQFYKSGIYFEPDCSSK
NLDHGVLVVGYGFEGANSQNSKYWLVKNSWGPEWGSNGYVKIAKDKNNHCGIATAASYPNV
;
AA,BA
2 'polypeptide(L)' RLSAKP PA,PB
#
# COMPACT_ATOMS: atom_id res chain seq x y z
N LEU A 1 -21.70 8.97 -5.85
CA LEU A 1 -20.47 8.17 -5.87
C LEU A 1 -19.22 9.04 -5.69
N PRO A 2 -18.27 8.61 -4.86
CA PRO A 2 -17.12 9.52 -4.73
C PRO A 2 -16.28 9.61 -6.00
N LYS A 3 -15.43 10.64 -6.04
CA LYS A 3 -14.52 10.94 -7.16
C LYS A 3 -13.32 9.98 -7.18
N SER A 4 -12.88 9.52 -5.99
CA SER A 4 -11.76 8.61 -5.92
C SER A 4 -12.02 7.74 -4.70
N VAL A 5 -11.47 6.52 -4.72
CA VAL A 5 -11.62 5.56 -3.64
C VAL A 5 -10.34 4.78 -3.59
N ASP A 6 -9.88 4.47 -2.40
CA ASP A 6 -8.67 3.72 -2.25
C ASP A 6 -8.88 2.84 -1.05
N TRP A 7 -9.33 1.64 -1.31
CA TRP A 7 -9.54 0.77 -0.15
C TRP A 7 -8.34 0.44 0.67
N ARG A 8 -7.13 0.57 0.08
CA ARG A 8 -5.89 0.27 0.84
C ARG A 8 -5.71 1.18 2.05
N LYS A 9 -6.20 2.41 1.93
CA LYS A 9 -6.12 3.41 2.97
C LYS A 9 -7.13 3.19 4.10
N LYS A 10 -7.98 2.18 3.92
CA LYS A 10 -9.00 1.86 4.91
C LYS A 10 -8.75 0.48 5.56
N GLY A 11 -7.62 -0.17 5.22
CA GLY A 11 -7.28 -1.46 5.79
C GLY A 11 -7.86 -2.73 5.21
N TYR A 12 -8.42 -2.64 4.00
CA TYR A 12 -9.01 -3.78 3.34
C TYR A 12 -8.12 -4.56 2.45
N VAL A 13 -6.85 -4.16 2.32
CA VAL A 13 -5.98 -4.89 1.42
C VAL A 13 -4.71 -5.39 1.95
N THR A 14 -4.47 -6.66 1.72
CA THR A 14 -3.22 -7.23 2.20
C THR A 14 -2.03 -6.80 1.37
N PRO A 15 -0.81 -6.98 1.91
CA PRO A 15 0.40 -6.60 1.13
C PRO A 15 0.39 -7.41 -0.18
N VAL A 16 1.00 -6.90 -1.25
CA VAL A 16 1.09 -7.54 -2.57
C VAL A 16 1.75 -8.90 -2.49
N LYS A 17 1.18 -9.86 -3.18
CA LYS A 17 1.72 -11.23 -3.19
C LYS A 17 2.31 -11.52 -4.54
N ASN A 18 2.91 -12.69 -4.68
CA ASN A 18 3.52 -13.08 -5.93
C ASN A 18 3.06 -14.44 -6.34
N GLN A 19 2.44 -14.54 -7.49
CA GLN A 19 1.98 -15.86 -7.91
C GLN A 19 3.07 -16.73 -8.49
N LYS A 20 4.21 -16.14 -8.81
CA LYS A 20 5.33 -16.86 -9.38
C LYS A 20 4.96 -17.51 -10.69
N GLN A 21 5.57 -18.61 -11.00
CA GLN A 21 5.28 -19.28 -12.24
C GLN A 21 4.20 -20.25 -12.18
N CYS A 22 3.01 -19.80 -11.86
CA CYS A 22 1.88 -20.67 -11.77
C CYS A 22 0.72 -19.83 -12.15
N GLY A 23 -0.15 -20.37 -12.99
CA GLY A 23 -1.31 -19.62 -13.42
C GLY A 23 -2.47 -19.50 -12.47
N SER A 24 -2.22 -18.85 -11.36
CA SER A 24 -3.27 -18.70 -10.40
C SER A 24 -3.57 -17.28 -10.13
N SER A 25 -3.51 -16.41 -11.11
CA SER A 25 -3.81 -15.03 -10.76
C SER A 25 -5.23 -14.98 -10.32
N TRP A 26 -6.03 -15.90 -10.85
CA TRP A 26 -7.42 -15.96 -10.50
C TRP A 26 -7.54 -16.28 -9.06
N ALA A 27 -6.61 -17.03 -8.52
CA ALA A 27 -6.78 -17.30 -7.09
C ALA A 27 -6.43 -16.08 -6.24
N PHE A 28 -5.46 -15.28 -6.73
CA PHE A 28 -5.04 -14.10 -6.00
C PHE A 28 -6.11 -13.07 -5.97
N SER A 29 -6.76 -12.94 -7.08
CA SER A 29 -7.84 -11.99 -7.22
C SER A 29 -9.00 -12.36 -6.30
N ALA A 30 -9.27 -13.67 -6.21
CA ALA A 30 -10.35 -14.21 -5.39
C ALA A 30 -10.04 -13.95 -3.92
N THR A 31 -8.83 -14.33 -3.51
CA THR A 31 -8.50 -14.09 -2.11
C THR A 31 -8.48 -12.61 -1.76
N GLY A 32 -8.22 -11.72 -2.75
CA GLY A 32 -8.18 -10.29 -2.49
C GLY A 32 -9.56 -9.78 -2.18
N ALA A 33 -10.51 -10.16 -3.02
CA ALA A 33 -11.86 -9.73 -2.81
C ALA A 33 -12.40 -10.25 -1.49
N LEU A 34 -12.06 -11.51 -1.15
CA LEU A 34 -12.52 -12.14 0.06
C LEU A 34 -11.90 -11.48 1.28
N GLU A 35 -10.59 -11.21 1.22
CA GLU A 35 -9.90 -10.57 2.33
C GLU A 35 -10.54 -9.23 2.63
N GLY A 36 -10.97 -8.55 1.57
CA GLY A 36 -11.58 -7.25 1.77
C GLY A 36 -12.97 -7.40 2.38
N GLN A 37 -13.73 -8.38 1.87
CA GLN A 37 -15.06 -8.57 2.42
C GLN A 37 -15.03 -9.06 3.86
N MET A 38 -14.08 -9.93 4.19
CA MET A 38 -13.99 -10.43 5.57
C MET A 38 -13.59 -9.27 6.49
N PHE A 39 -12.81 -8.33 5.94
CA PHE A 39 -12.39 -7.20 6.76
C PHE A 39 -13.59 -6.30 7.08
N ARG A 40 -14.39 -6.01 6.09
CA ARG A 40 -15.55 -5.16 6.27
C ARG A 40 -16.49 -5.71 7.35
N LYS A 41 -16.60 -7.04 7.41
CA LYS A 41 -17.44 -7.75 8.36
C LYS A 41 -16.87 -7.98 9.77
N THR A 42 -15.57 -8.08 9.92
CA THR A 42 -14.99 -8.31 11.23
C THR A 42 -13.96 -7.36 11.74
N GLY A 43 -13.43 -6.53 10.86
CA GLY A 43 -12.42 -5.58 11.28
C GLY A 43 -11.06 -6.23 11.40
N LYS A 44 -10.93 -7.46 10.90
CA LYS A 44 -9.67 -8.17 10.96
C LYS A 44 -9.21 -8.48 9.54
N LEU A 45 -7.94 -8.17 9.25
CA LEU A 45 -7.38 -8.40 7.93
C LEU A 45 -6.60 -9.66 8.01
N VAL A 46 -7.04 -10.68 7.23
CA VAL A 46 -6.31 -11.93 7.28
C VAL A 46 -5.99 -12.45 5.91
N SER A 47 -4.71 -12.65 5.64
CA SER A 47 -4.27 -13.15 4.35
C SER A 47 -4.87 -14.52 4.12
N LEU A 48 -5.53 -14.69 2.96
CA LEU A 48 -6.15 -15.97 2.65
C LEU A 48 -5.29 -16.89 1.81
N SER A 49 -5.58 -18.21 1.88
CA SER A 49 -4.79 -19.15 1.11
C SER A 49 -5.11 -19.41 -0.35
N GLU A 50 -4.26 -18.89 -1.23
CA GLU A 50 -4.44 -19.07 -2.67
C GLU A 50 -4.13 -20.55 -2.98
N GLN A 51 -3.19 -21.12 -2.22
CA GLN A 51 -2.83 -22.53 -2.44
C GLN A 51 -4.05 -23.41 -2.21
N ASN A 52 -4.93 -23.01 -1.26
CA ASN A 52 -6.16 -23.73 -0.91
C ASN A 52 -6.97 -23.84 -2.18
N LEU A 53 -7.11 -22.69 -2.82
CA LEU A 53 -7.85 -22.62 -4.05
C LEU A 53 -7.26 -23.37 -5.20
N VAL A 54 -5.91 -23.30 -5.37
CA VAL A 54 -5.26 -24.01 -6.47
C VAL A 54 -5.52 -25.50 -6.33
N ASP A 55 -5.27 -26.04 -5.15
CA ASP A 55 -5.48 -27.45 -4.96
C ASP A 55 -6.90 -27.96 -4.78
N CYS A 56 -7.86 -27.13 -4.31
CA CYS A 56 -9.17 -27.72 -4.15
C CYS A 56 -10.34 -27.35 -4.97
N SER A 57 -10.20 -26.43 -5.92
CA SER A 57 -11.38 -26.09 -6.70
C SER A 57 -11.50 -26.62 -8.07
N ARG A 58 -10.84 -27.73 -8.32
CA ARG A 58 -10.92 -28.32 -9.65
C ARG A 58 -12.37 -28.74 -9.85
N PRO A 59 -13.05 -29.18 -8.80
CA PRO A 59 -14.45 -29.56 -9.06
C PRO A 59 -15.33 -28.40 -9.56
N GLN A 60 -15.01 -27.13 -9.17
CA GLN A 60 -15.80 -25.97 -9.60
C GLN A 60 -15.38 -25.42 -10.90
N GLY A 61 -14.44 -26.09 -11.51
CA GLY A 61 -13.99 -25.63 -12.78
C GLY A 61 -12.62 -24.99 -12.79
N ASN A 62 -11.91 -24.94 -11.68
CA ASN A 62 -10.59 -24.31 -11.75
C ASN A 62 -9.54 -25.31 -12.15
N GLN A 63 -8.41 -24.83 -12.57
CA GLN A 63 -7.36 -25.73 -12.98
C GLN A 63 -6.10 -25.41 -12.34
N GLY A 64 -6.12 -25.18 -11.07
CA GLY A 64 -4.90 -24.89 -10.38
C GLY A 64 -3.91 -23.97 -11.06
N CYS A 65 -2.72 -24.49 -11.37
CA CYS A 65 -1.78 -23.63 -12.01
C CYS A 65 -1.96 -23.43 -13.46
N ASN A 66 -3.05 -23.88 -14.01
CA ASN A 66 -3.24 -23.70 -15.43
C ASN A 66 -4.45 -22.88 -15.73
N GLY A 67 -4.78 -21.93 -14.89
CA GLY A 67 -5.96 -21.13 -15.16
C GLY A 67 -7.11 -21.35 -14.23
N GLY A 68 -8.04 -20.45 -14.24
CA GLY A 68 -9.18 -20.61 -13.35
C GLY A 68 -10.02 -19.35 -13.41
N PHE A 69 -11.05 -19.28 -12.60
CA PHE A 69 -11.89 -18.10 -12.62
C PHE A 69 -12.33 -17.73 -11.25
N MET A 70 -12.31 -16.45 -11.00
CA MET A 70 -12.70 -15.90 -9.70
C MET A 70 -14.06 -16.31 -9.15
N ALA A 71 -15.09 -16.25 -9.98
CA ALA A 71 -16.38 -16.65 -9.42
C ALA A 71 -16.41 -18.13 -9.10
N ARG A 72 -15.63 -18.93 -9.87
CA ARG A 72 -15.59 -20.35 -9.63
C ARG A 72 -14.98 -20.51 -8.26
N ALA A 73 -13.99 -19.63 -7.90
CA ALA A 73 -13.37 -19.73 -6.59
C ALA A 73 -14.34 -19.40 -5.46
N PHE A 74 -15.15 -18.33 -5.63
CA PHE A 74 -16.13 -17.93 -4.62
C PHE A 74 -17.07 -19.11 -4.50
N GLN A 75 -17.38 -19.72 -5.65
CA GLN A 75 -18.26 -20.86 -5.68
C GLN A 75 -17.71 -21.96 -4.79
N TYR A 76 -16.40 -22.26 -4.90
CA TYR A 76 -15.81 -23.30 -4.08
C TYR A 76 -15.84 -22.95 -2.59
N VAL A 77 -15.59 -21.67 -2.25
CA VAL A 77 -15.60 -21.26 -0.85
C VAL A 77 -16.96 -21.53 -0.24
N LYS A 78 -18.00 -21.38 -1.06
CA LYS A 78 -19.35 -21.61 -0.61
C LYS A 78 -19.66 -23.09 -0.47
N GLU A 79 -19.42 -23.89 -1.52
CA GLU A 79 -19.72 -25.32 -1.41
C GLU A 79 -18.97 -26.01 -0.30
N ASN A 80 -17.76 -25.55 -0.09
CA ASN A 80 -16.84 -26.03 0.92
C ASN A 80 -17.10 -25.46 2.29
N GLY A 81 -17.83 -24.33 2.35
CA GLY A 81 -18.12 -23.74 3.65
C GLY A 81 -16.95 -23.09 4.34
N GLY A 82 -15.86 -22.86 3.59
CA GLY A 82 -14.69 -22.22 4.20
C GLY A 82 -13.47 -22.05 3.32
N LEU A 83 -12.43 -21.41 3.89
CA LEU A 83 -11.18 -21.17 3.17
C LEU A 83 -10.14 -20.89 4.21
N ASP A 84 -9.03 -21.59 4.09
CA ASP A 84 -7.96 -21.41 5.04
C ASP A 84 -7.14 -20.16 4.80
N SER A 85 -6.43 -19.75 5.85
CA SER A 85 -5.57 -18.57 5.85
C SER A 85 -4.24 -18.96 5.19
N GLU A 86 -3.46 -17.96 4.74
CA GLU A 86 -2.18 -18.21 4.10
C GLU A 86 -1.21 -18.90 5.03
N GLU A 87 -1.20 -18.46 6.29
CA GLU A 87 -0.32 -19.02 7.29
C GLU A 87 -0.51 -20.53 7.53
N SER A 88 -1.74 -20.99 7.50
CA SER A 88 -2.04 -22.39 7.71
C SER A 88 -1.94 -23.25 6.45
N TYR A 89 -2.05 -22.62 5.28
CA TYR A 89 -1.98 -23.36 4.03
C TYR A 89 -1.14 -22.47 3.07
N PRO A 90 0.21 -22.57 3.20
CA PRO A 90 1.07 -21.74 2.35
C PRO A 90 1.17 -21.95 0.84
N TYR A 91 1.41 -20.84 0.15
CA TYR A 91 1.53 -20.84 -1.30
C TYR A 91 2.91 -21.44 -1.68
N VAL A 92 2.92 -22.46 -2.55
CA VAL A 92 4.16 -23.10 -2.97
C VAL A 92 4.33 -23.05 -4.47
N ALA A 93 3.38 -22.41 -5.10
CA ALA A 93 3.34 -22.22 -6.55
C ALA A 93 3.27 -23.42 -7.50
N VAL A 94 2.76 -24.55 -6.99
CA VAL A 94 2.64 -25.75 -7.81
C VAL A 94 1.34 -26.46 -7.42
N ASP A 95 0.73 -27.19 -8.36
CA ASP A 95 -0.50 -27.91 -8.08
C ASP A 95 -0.15 -29.01 -7.10
N GLU A 96 -0.81 -29.03 -5.95
CA GLU A 96 -0.55 -30.05 -4.96
C GLU A 96 -1.87 -30.65 -4.50
N ILE A 97 -1.75 -31.62 -3.58
CA ILE A 97 -2.88 -32.32 -3.00
C ILE A 97 -3.66 -31.38 -2.11
N CYS A 98 -4.99 -31.42 -2.26
CA CYS A 98 -5.85 -30.56 -1.45
C CYS A 98 -5.75 -30.93 0.00
N LYS A 99 -5.35 -29.99 0.81
CA LYS A 99 -5.22 -30.20 2.21
C LYS A 99 -6.03 -29.17 2.94
N TYR A 100 -7.26 -28.98 2.55
CA TYR A 100 -8.08 -27.98 3.24
C TYR A 100 -8.45 -28.52 4.58
N ARG A 101 -8.18 -27.79 5.64
CA ARG A 101 -8.50 -28.20 6.99
C ARG A 101 -9.44 -27.22 7.59
N PRO A 102 -10.70 -27.57 7.73
CA PRO A 102 -11.62 -26.60 8.31
C PRO A 102 -11.35 -26.04 9.65
N GLU A 103 -10.51 -26.63 10.44
CA GLU A 103 -10.26 -26.03 11.73
C GLU A 103 -9.52 -24.74 11.43
N ASN A 104 -8.89 -24.66 10.27
CA ASN A 104 -8.18 -23.44 9.95
C ASN A 104 -8.88 -22.46 9.09
N SER A 105 -10.16 -22.55 9.00
CA SER A 105 -10.92 -21.64 8.18
C SER A 105 -11.01 -20.28 8.76
N VAL A 106 -11.00 -19.26 7.91
CA VAL A 106 -11.10 -17.90 8.41
C VAL A 106 -11.90 -17.05 7.51
N ALA A 107 -12.60 -17.67 6.61
CA ALA A 107 -13.41 -16.93 5.70
C ALA A 107 -14.51 -17.79 5.18
N GLN A 108 -15.60 -17.14 4.81
CA GLN A 108 -16.74 -17.83 4.29
C GLN A 108 -17.53 -16.93 3.37
N ASP A 109 -18.20 -17.52 2.41
CA ASP A 109 -19.02 -16.77 1.48
C ASP A 109 -20.20 -17.63 1.14
N THR A 110 -21.35 -17.00 0.98
CA THR A 110 -22.59 -17.70 0.66
C THR A 110 -22.89 -17.56 -0.81
N GLY A 111 -21.92 -17.05 -1.54
CA GLY A 111 -22.15 -16.88 -2.97
C GLY A 111 -21.42 -15.63 -3.45
N PHE A 112 -21.92 -15.02 -4.52
CA PHE A 112 -21.26 -13.83 -5.02
C PHE A 112 -22.16 -12.91 -5.78
N THR A 113 -21.63 -11.74 -6.10
CA THR A 113 -22.38 -10.75 -6.84
C THR A 113 -21.62 -10.44 -8.09
N VAL A 114 -22.33 -10.40 -9.20
CA VAL A 114 -21.69 -10.12 -10.47
C VAL A 114 -21.99 -8.69 -10.87
N VAL A 115 -21.15 -8.16 -11.75
CA VAL A 115 -21.28 -6.81 -12.25
C VAL A 115 -21.68 -7.01 -13.71
N ALA A 116 -22.65 -6.24 -14.21
CA ALA A 116 -23.08 -6.39 -15.59
C ALA A 116 -21.85 -6.27 -16.46
N PRO A 117 -21.66 -7.20 -17.41
CA PRO A 117 -20.47 -7.10 -18.25
C PRO A 117 -20.27 -5.87 -19.13
N GLY A 118 -19.04 -5.31 -19.11
CA GLY A 118 -18.71 -4.13 -19.89
C GLY A 118 -19.25 -2.85 -19.28
N LYS A 119 -19.85 -2.95 -18.09
CA LYS A 119 -20.40 -1.74 -17.47
C LYS A 119 -19.49 -1.09 -16.43
N GLU A 120 -18.64 -0.18 -16.89
CA GLU A 120 -17.72 0.53 -16.01
C GLU A 120 -18.42 1.29 -14.90
N LYS A 121 -19.59 1.83 -15.17
CA LYS A 121 -20.24 2.55 -14.09
C LYS A 121 -20.73 1.55 -13.08
N ALA A 122 -21.16 0.36 -13.52
CA ALA A 122 -21.62 -0.59 -12.52
C ALA A 122 -20.43 -0.97 -11.71
N LEU A 123 -19.29 -1.05 -12.35
CA LEU A 123 -18.06 -1.41 -11.64
C LEU A 123 -17.68 -0.35 -10.65
N MET A 124 -17.65 0.91 -11.08
CA MET A 124 -17.31 2.02 -10.21
C MET A 124 -18.23 1.93 -9.04
N LYS A 125 -19.49 1.65 -9.30
CA LYS A 125 -20.44 1.55 -8.22
C LYS A 125 -20.13 0.45 -7.29
N ALA A 126 -19.81 -0.75 -7.80
CA ALA A 126 -19.51 -1.82 -6.87
C ALA A 126 -18.28 -1.44 -6.06
N VAL A 127 -17.23 -0.90 -6.71
CA VAL A 127 -16.00 -0.52 -6.00
C VAL A 127 -16.27 0.41 -4.86
N ALA A 128 -16.93 1.51 -5.13
CA ALA A 128 -17.26 2.50 -4.13
C ALA A 128 -18.15 2.05 -3.00
N THR A 129 -19.04 1.12 -3.24
CA THR A 129 -19.88 0.73 -2.13
C THR A 129 -19.62 -0.55 -1.41
N VAL A 130 -18.81 -1.45 -1.96
CA VAL A 130 -18.50 -2.74 -1.35
C VAL A 130 -17.08 -3.02 -0.82
N GLY A 131 -16.07 -2.64 -1.61
CA GLY A 131 -14.67 -2.85 -1.26
C GLY A 131 -14.00 -3.38 -2.50
N PRO A 132 -12.79 -3.93 -2.38
CA PRO A 132 -12.11 -4.45 -3.58
C PRO A 132 -12.96 -5.49 -4.37
N ILE A 133 -12.98 -5.34 -5.71
CA ILE A 133 -13.71 -6.19 -6.66
C ILE A 133 -12.79 -7.07 -7.57
N SER A 134 -12.94 -8.43 -7.54
CA SER A 134 -12.11 -9.28 -8.41
C SER A 134 -12.52 -8.93 -9.88
N VAL A 135 -11.56 -8.79 -10.80
CA VAL A 135 -11.79 -8.47 -12.22
C VAL A 135 -10.81 -9.27 -13.08
N ALA A 136 -11.17 -9.48 -14.35
CA ALA A 136 -10.35 -10.21 -15.31
C ALA A 136 -9.93 -9.14 -16.29
N MET A 137 -8.77 -9.32 -16.93
CA MET A 137 -8.30 -8.32 -17.88
C MET A 137 -7.39 -8.99 -18.87
N ASP A 138 -7.04 -8.26 -19.89
CA ASP A 138 -6.17 -8.84 -20.85
C ASP A 138 -4.84 -8.27 -20.47
N ALA A 139 -3.96 -9.12 -20.06
CA ALA A 139 -2.66 -8.63 -19.66
C ALA A 139 -1.54 -9.12 -20.53
N GLY A 140 -1.90 -9.64 -21.69
CA GLY A 140 -0.90 -10.17 -22.60
C GLY A 140 -0.14 -9.15 -23.40
N HIS A 141 0.60 -8.28 -22.74
CA HIS A 141 1.34 -7.29 -23.48
C HIS A 141 2.59 -6.91 -22.82
N SER A 142 3.63 -6.68 -23.59
CA SER A 142 4.87 -6.30 -22.98
C SER A 142 4.78 -5.04 -22.28
N SER A 143 3.94 -4.17 -22.73
CA SER A 143 3.84 -2.91 -22.03
C SER A 143 3.34 -3.13 -20.64
N PHE A 144 2.55 -4.18 -20.41
CA PHE A 144 2.06 -4.42 -19.08
C PHE A 144 3.15 -4.97 -18.29
N GLN A 145 3.91 -5.90 -18.87
CA GLN A 145 5.02 -6.51 -18.19
C GLN A 145 5.97 -5.47 -17.68
N PHE A 146 6.26 -4.50 -18.49
CA PHE A 146 7.18 -3.45 -18.11
C PHE A 146 6.59 -2.26 -17.49
N TYR A 147 5.31 -2.25 -17.26
CA TYR A 147 4.73 -1.09 -16.67
C TYR A 147 5.43 -0.62 -15.37
N LYS A 148 5.64 0.69 -15.21
CA LYS A 148 6.29 1.23 -14.01
C LYS A 148 5.41 2.24 -13.30
N SER A 149 4.85 3.22 -14.05
CA SER A 149 4.00 4.25 -13.43
C SER A 149 2.97 4.91 -14.34
N GLY A 150 2.13 5.77 -13.74
CA GLY A 150 1.10 6.48 -14.49
C GLY A 150 -0.08 5.65 -14.94
N ILE A 151 -0.81 6.20 -15.87
CA ILE A 151 -1.97 5.48 -16.37
C ILE A 151 -1.69 4.64 -17.54
N TYR A 152 -1.91 3.36 -17.37
CA TYR A 152 -1.69 2.41 -18.41
C TYR A 152 -2.77 2.40 -19.45
N PHE A 153 -2.38 2.51 -20.69
CA PHE A 153 -3.30 2.52 -21.81
C PHE A 153 -2.55 1.82 -22.92
N GLU A 154 -3.08 0.73 -23.37
CA GLU A 154 -2.44 -0.02 -24.42
C GLU A 154 -3.35 -0.22 -25.58
N PRO A 155 -2.99 0.29 -26.72
CA PRO A 155 -3.87 0.10 -27.85
C PRO A 155 -4.18 -1.31 -28.22
N ASP A 156 -3.30 -2.28 -28.09
CA ASP A 156 -3.74 -3.61 -28.50
C ASP A 156 -4.50 -4.39 -27.43
N CYS A 157 -4.99 -3.73 -26.41
CA CYS A 157 -5.73 -4.41 -25.37
C CYS A 157 -7.09 -4.89 -25.77
N SER A 158 -7.46 -6.03 -25.33
CA SER A 158 -8.75 -6.57 -25.67
C SER A 158 -9.71 -6.43 -24.52
N SER A 159 -10.95 -6.28 -24.81
CA SER A 159 -11.92 -6.14 -23.76
C SER A 159 -12.73 -7.35 -23.72
N LYS A 160 -12.41 -8.30 -24.55
CA LYS A 160 -13.13 -9.55 -24.65
C LYS A 160 -12.36 -10.79 -24.35
N ASN A 161 -11.13 -10.84 -24.75
CA ASN A 161 -10.29 -11.97 -24.52
C ASN A 161 -9.33 -11.69 -23.41
N LEU A 162 -9.63 -12.18 -22.24
CA LEU A 162 -8.85 -12.00 -21.04
C LEU A 162 -8.04 -13.15 -20.56
N ASP A 163 -6.90 -12.89 -19.96
CA ASP A 163 -6.06 -13.94 -19.48
C ASP A 163 -5.54 -13.67 -18.09
N HIS A 164 -6.07 -12.72 -17.40
CA HIS A 164 -5.54 -12.48 -16.09
C HIS A 164 -6.47 -11.86 -15.14
N GLY A 165 -6.56 -12.41 -13.99
CA GLY A 165 -7.43 -11.89 -12.98
C GLY A 165 -6.63 -11.04 -12.01
N VAL A 166 -7.14 -9.86 -11.66
CA VAL A 166 -6.58 -8.87 -10.77
C VAL A 166 -7.64 -8.33 -9.84
N LEU A 167 -7.26 -7.42 -8.99
CA LEU A 167 -8.15 -6.82 -8.05
C LEU A 167 -8.25 -5.31 -8.09
N VAL A 168 -9.44 -4.80 -8.22
CA VAL A 168 -9.64 -3.37 -8.27
C VAL A 168 -9.80 -2.92 -6.87
N VAL A 169 -8.81 -2.28 -6.31
CA VAL A 169 -8.88 -1.81 -4.93
C VAL A 169 -9.35 -0.36 -4.86
N GLY A 170 -9.71 0.26 -6.00
CA GLY A 170 -10.14 1.63 -5.93
C GLY A 170 -10.09 2.28 -7.28
N TYR A 171 -10.17 3.62 -7.32
CA TYR A 171 -10.12 4.34 -8.60
C TYR A 171 -9.87 5.80 -8.28
N GLY A 172 -9.59 6.59 -9.29
CA GLY A 172 -9.34 8.00 -9.08
C GLY A 172 -9.09 8.71 -10.38
N PHE A 173 -8.40 9.82 -10.28
CA PHE A 173 -8.07 10.62 -11.43
C PHE A 173 -6.77 11.31 -11.25
N GLU A 174 -6.23 11.79 -12.34
CA GLU A 174 -4.97 12.48 -12.29
C GLU A 174 -5.23 13.89 -12.57
N GLY A 175 -4.76 14.75 -11.75
CA GLY A 175 -4.99 16.15 -12.01
C GLY A 175 -6.09 16.66 -11.15
N ALA A 176 -6.70 17.73 -11.57
CA ALA A 176 -7.76 18.32 -10.81
C ALA A 176 -9.10 18.13 -11.45
N ASN A 177 -9.16 17.70 -12.69
CA ASN A 177 -10.48 17.52 -13.26
C ASN A 177 -10.90 16.09 -13.02
N SER A 178 -11.79 15.95 -12.08
CA SER A 178 -12.30 14.65 -11.72
C SER A 178 -12.86 13.88 -12.84
N GLN A 179 -13.28 14.55 -13.87
CA GLN A 179 -13.85 13.80 -14.95
C GLN A 179 -12.94 13.42 -16.02
N ASN A 180 -11.65 13.56 -15.81
CA ASN A 180 -10.76 13.19 -16.88
C ASN A 180 -9.45 12.61 -16.41
N SER A 181 -8.90 11.72 -17.19
CA SER A 181 -7.67 11.00 -16.98
C SER A 181 -7.86 10.22 -15.74
N LYS A 182 -8.92 9.50 -15.79
CA LYS A 182 -9.37 8.64 -14.73
C LYS A 182 -8.70 7.28 -14.84
N TYR A 183 -8.65 6.53 -13.71
CA TYR A 183 -8.02 5.22 -13.73
C TYR A 183 -8.55 4.33 -12.65
N TRP A 184 -8.31 3.02 -12.79
CA TRP A 184 -8.74 2.02 -11.85
C TRP A 184 -7.49 1.71 -11.09
N LEU A 185 -7.58 1.66 -9.77
CA LEU A 185 -6.42 1.35 -8.97
C LEU A 185 -6.50 -0.19 -8.91
N VAL A 186 -5.49 -0.85 -9.52
CA VAL A 186 -5.42 -2.32 -9.59
C VAL A 186 -4.29 -2.96 -8.95
N LYS A 187 -4.62 -3.98 -8.14
CA LYS A 187 -3.66 -4.75 -7.41
C LYS A 187 -3.28 -6.00 -8.20
N ASN A 188 -1.97 -6.20 -8.44
CA ASN A 188 -1.55 -7.37 -9.19
C ASN A 188 -0.95 -8.42 -8.28
N SER A 189 -0.53 -9.56 -8.83
CA SER A 189 0.05 -10.60 -8.02
C SER A 189 1.38 -11.07 -8.63
N TRP A 190 2.21 -10.11 -9.02
CA TRP A 190 3.51 -10.37 -9.62
C TRP A 190 4.59 -9.80 -8.64
N GLY A 191 4.23 -9.68 -7.36
CA GLY A 191 5.15 -9.16 -6.35
C GLY A 191 5.14 -7.64 -6.25
N PRO A 192 5.69 -7.09 -5.13
CA PRO A 192 5.76 -5.65 -4.87
C PRO A 192 6.61 -4.92 -5.88
N GLU A 193 7.58 -5.66 -6.36
CA GLU A 193 8.55 -5.20 -7.34
C GLU A 193 8.02 -4.87 -8.72
N TRP A 194 6.91 -5.51 -9.15
CA TRP A 194 6.42 -5.18 -10.48
C TRP A 194 5.64 -3.90 -10.41
N GLY A 195 5.56 -3.16 -11.54
CA GLY A 195 4.83 -1.92 -11.56
C GLY A 195 5.08 -0.93 -10.46
N SER A 196 4.02 -0.29 -9.99
CA SER A 196 4.15 0.70 -8.93
C SER A 196 3.83 0.06 -7.59
N ASN A 197 4.83 -0.53 -6.95
CA ASN A 197 4.65 -1.17 -5.66
C ASN A 197 3.74 -2.41 -5.75
N GLY A 198 3.55 -2.88 -7.00
CA GLY A 198 2.72 -4.05 -7.26
C GLY A 198 1.36 -3.75 -7.81
N TYR A 199 1.10 -2.45 -7.94
CA TYR A 199 -0.12 -1.95 -8.44
C TYR A 199 0.06 -1.33 -9.82
N VAL A 200 -1.06 -1.08 -10.50
CA VAL A 200 -1.10 -0.49 -11.83
C VAL A 200 -2.31 0.37 -11.90
N LYS A 201 -2.18 1.55 -12.52
CA LYS A 201 -3.32 2.43 -12.64
C LYS A 201 -3.78 2.11 -14.10
N ILE A 202 -5.05 1.75 -14.31
CA ILE A 202 -5.52 1.43 -15.66
C ILE A 202 -6.60 2.37 -16.10
N ALA A 203 -6.46 2.90 -17.32
CA ALA A 203 -7.41 3.83 -17.92
C ALA A 203 -8.85 3.45 -17.63
N LYS A 204 -9.57 4.43 -17.07
CA LYS A 204 -10.95 4.25 -16.71
C LYS A 204 -11.85 5.05 -17.59
N ASP A 205 -13.05 4.49 -17.82
CA ASP A 205 -14.05 5.10 -18.66
C ASP A 205 -13.51 5.36 -20.06
N LYS A 206 -12.67 4.42 -20.50
CA LYS A 206 -12.06 4.51 -21.82
C LYS A 206 -12.49 3.24 -22.55
N ASN A 207 -13.80 3.06 -22.65
CA ASN A 207 -14.40 1.92 -23.33
C ASN A 207 -14.08 0.53 -22.76
N ASN A 208 -14.14 0.37 -21.42
CA ASN A 208 -13.85 -0.93 -20.80
C ASN A 208 -12.47 -1.43 -21.20
N HIS A 209 -11.46 -0.55 -21.04
CA HIS A 209 -10.08 -0.83 -21.37
C HIS A 209 -9.52 -2.12 -20.77
N CYS A 210 -8.95 -2.94 -21.63
CA CYS A 210 -8.37 -4.19 -21.24
C CYS A 210 -9.38 -5.11 -20.62
N GLY A 211 -10.67 -4.80 -20.79
CA GLY A 211 -11.74 -5.64 -20.23
C GLY A 211 -11.96 -5.66 -18.73
N ILE A 212 -11.39 -4.69 -18.04
CA ILE A 212 -11.53 -4.60 -16.58
C ILE A 212 -13.01 -4.73 -16.12
N ALA A 213 -13.96 -4.20 -16.90
CA ALA A 213 -15.35 -4.32 -16.45
C ALA A 213 -16.13 -5.47 -17.11
N THR A 214 -15.45 -6.29 -17.94
CA THR A 214 -16.09 -7.41 -18.62
C THR A 214 -16.60 -8.53 -17.73
N ALA A 215 -15.90 -8.85 -16.66
CA ALA A 215 -16.43 -9.96 -15.83
C ALA A 215 -15.93 -9.87 -14.38
N ALA A 216 -16.37 -8.84 -13.73
CA ALA A 216 -16.09 -8.48 -12.36
C ALA A 216 -17.07 -9.12 -11.43
N SER A 217 -16.63 -9.31 -10.21
CA SER A 217 -17.52 -9.92 -9.23
C SER A 217 -16.88 -9.83 -7.88
N TYR A 218 -17.66 -10.09 -6.84
CA TYR A 218 -17.15 -10.04 -5.49
C TYR A 218 -17.88 -11.08 -4.64
N PRO A 219 -17.25 -11.58 -3.60
CA PRO A 219 -17.92 -12.59 -2.75
C PRO A 219 -18.93 -12.03 -1.77
N ASN A 220 -20.00 -12.81 -1.43
CA ASN A 220 -21.01 -12.37 -0.49
C ASN A 220 -20.66 -13.01 0.83
N VAL A 221 -20.37 -12.19 1.82
CA VAL A 221 -20.03 -12.73 3.11
C VAL A 221 -21.11 -12.51 4.15
N LEU B 1 18.78 -9.07 16.60
CA LEU B 1 18.28 -8.23 15.51
C LEU B 1 18.38 -8.90 14.13
N PRO B 2 17.27 -8.92 13.37
CA PRO B 2 17.26 -9.55 12.04
C PRO B 2 18.15 -8.82 11.03
N LYS B 3 18.64 -9.55 10.02
CA LYS B 3 19.50 -8.99 8.98
C LYS B 3 18.70 -8.09 8.04
N SER B 4 17.37 -8.24 8.04
CA SER B 4 16.56 -7.40 7.17
C SER B 4 15.14 -7.25 7.68
N VAL B 5 14.50 -6.10 7.34
CA VAL B 5 13.14 -5.84 7.77
C VAL B 5 12.40 -4.99 6.75
N ASP B 6 11.12 -5.33 6.52
CA ASP B 6 10.26 -4.63 5.59
C ASP B 6 8.84 -4.62 6.13
N TRP B 7 8.52 -3.55 6.86
CA TRP B 7 7.19 -3.38 7.46
C TRP B 7 6.04 -3.37 6.46
N ARG B 8 6.34 -3.10 5.19
CA ARG B 8 5.33 -3.06 4.14
C ARG B 8 4.74 -4.48 4.03
N LYS B 9 5.63 -5.48 4.08
CA LYS B 9 5.26 -6.88 3.99
C LYS B 9 4.34 -7.29 5.14
N LYS B 10 4.31 -6.51 6.22
CA LYS B 10 3.44 -6.88 7.33
C LYS B 10 2.14 -6.06 7.48
N GLY B 11 1.82 -5.16 6.51
CA GLY B 11 0.60 -4.38 6.63
C GLY B 11 0.59 -3.14 7.50
N TYR B 12 1.78 -2.66 7.84
CA TYR B 12 1.92 -1.47 8.69
C TYR B 12 2.05 -0.18 7.93
N VAL B 13 2.16 -0.28 6.60
CA VAL B 13 2.33 0.89 5.76
C VAL B 13 1.28 1.22 4.74
N THR B 14 0.85 2.48 4.74
CA THR B 14 -0.15 2.88 3.80
C THR B 14 0.51 3.18 2.45
N PRO B 15 -0.30 3.40 1.44
CA PRO B 15 0.31 3.70 0.13
C PRO B 15 1.13 5.01 0.12
N VAL B 16 2.09 5.13 -0.81
CA VAL B 16 2.92 6.34 -0.91
C VAL B 16 2.01 7.56 -1.19
N LYS B 17 2.27 8.70 -0.53
CA LYS B 17 1.46 9.91 -0.71
C LYS B 17 2.28 11.04 -1.36
N ASN B 18 1.63 12.14 -1.69
CA ASN B 18 2.37 13.24 -2.30
C ASN B 18 2.02 14.52 -1.61
N GLN B 19 3.02 15.08 -0.90
CA GLN B 19 2.80 16.32 -0.17
C GLN B 19 2.62 17.51 -1.10
N LYS B 20 3.05 17.34 -2.35
CA LYS B 20 2.94 18.40 -3.34
C LYS B 20 3.73 19.69 -2.94
N GLN B 21 3.20 20.88 -3.27
CA GLN B 21 3.83 22.15 -2.97
C GLN B 21 3.51 22.69 -1.59
N CYS B 22 3.75 21.86 -0.59
CA CYS B 22 3.47 22.24 0.78
C CYS B 22 4.57 21.68 1.61
N GLY B 23 5.23 22.53 2.43
CA GLY B 23 6.31 22.06 3.27
C GLY B 23 5.72 21.30 4.42
N SER B 24 5.16 20.12 4.11
CA SER B 24 4.54 19.27 5.11
C SER B 24 5.12 17.86 5.20
N SER B 25 6.36 17.67 4.75
CA SER B 25 6.94 16.33 4.83
C SER B 25 6.89 15.87 6.27
N TRP B 26 6.91 16.84 7.22
CA TRP B 26 6.86 16.50 8.63
C TRP B 26 5.53 15.86 8.99
N ALA B 27 4.46 16.30 8.33
CA ALA B 27 3.15 15.73 8.63
C ALA B 27 3.02 14.32 8.03
N PHE B 28 3.64 14.11 6.87
CA PHE B 28 3.58 12.80 6.21
C PHE B 28 4.35 11.79 7.00
N SER B 29 5.55 12.18 7.45
CA SER B 29 6.41 11.31 8.24
C SER B 29 5.72 10.94 9.57
N ALA B 30 5.05 11.91 10.19
CA ALA B 30 4.33 11.72 11.45
C ALA B 30 3.17 10.73 11.27
N THR B 31 2.33 10.95 10.21
CA THR B 31 1.21 10.03 10.00
C THR B 31 1.72 8.64 9.69
N GLY B 32 2.84 8.55 8.94
CA GLY B 32 3.41 7.26 8.59
C GLY B 32 3.65 6.43 9.84
N ALA B 33 4.43 6.98 10.81
CA ALA B 33 4.78 6.34 12.06
C ALA B 33 3.59 5.97 12.87
N LEU B 34 2.68 6.93 12.99
CA LEU B 34 1.47 6.73 13.75
C LEU B 34 0.59 5.65 13.07
N GLU B 35 0.52 5.65 11.73
CA GLU B 35 -0.28 4.67 11.01
C GLU B 35 0.20 3.28 11.31
N GLY B 36 1.51 3.12 11.43
CA GLY B 36 2.07 1.82 11.72
C GLY B 36 1.86 1.46 13.17
N GLN B 37 1.83 2.47 14.08
CA GLN B 37 1.64 2.11 15.48
C GLN B 37 0.22 1.70 15.78
N MET B 38 -0.74 2.41 15.18
CA MET B 38 -2.14 2.08 15.40
C MET B 38 -2.40 0.69 14.81
N PHE B 39 -1.73 0.37 13.70
CA PHE B 39 -1.93 -0.92 13.09
C PHE B 39 -1.50 -2.04 14.01
N ARG B 40 -0.36 -1.88 14.67
CA ARG B 40 0.13 -2.91 15.58
C ARG B 40 -0.80 -3.12 16.78
N LYS B 41 -1.46 -2.05 17.19
CA LYS B 41 -2.39 -2.03 18.30
C LYS B 41 -3.81 -2.52 17.95
N THR B 42 -4.27 -2.21 16.73
CA THR B 42 -5.63 -2.64 16.36
C THR B 42 -5.83 -3.58 15.17
N GLY B 43 -4.82 -3.81 14.33
CA GLY B 43 -5.02 -4.71 13.20
C GLY B 43 -5.67 -3.98 12.02
N LYS B 44 -5.94 -2.68 12.20
CA LYS B 44 -6.56 -1.89 11.15
C LYS B 44 -5.56 -0.83 10.67
N LEU B 45 -5.28 -0.82 9.37
CA LEU B 45 -4.33 0.16 8.81
C LEU B 45 -5.21 1.19 8.21
N VAL B 46 -5.19 2.40 8.77
CA VAL B 46 -6.00 3.52 8.31
C VAL B 46 -5.21 4.75 7.99
N SER B 47 -5.34 5.25 6.78
CA SER B 47 -4.60 6.42 6.43
C SER B 47 -5.02 7.61 7.28
N LEU B 48 -4.02 8.30 7.84
CA LEU B 48 -4.33 9.46 8.68
C LEU B 48 -4.25 10.79 7.88
N SER B 49 -4.92 11.81 8.41
CA SER B 49 -4.98 13.15 7.82
C SER B 49 -3.79 14.09 7.99
N GLU B 50 -2.95 14.25 6.96
CA GLU B 50 -1.81 15.14 7.11
C GLU B 50 -2.38 16.57 7.15
N GLN B 51 -3.52 16.77 6.48
CA GLN B 51 -4.16 18.07 6.45
C GLN B 51 -4.58 18.50 7.83
N ASN B 52 -4.84 17.51 8.72
CA ASN B 52 -5.25 17.76 10.09
C ASN B 52 -4.05 18.38 10.77
N LEU B 53 -2.88 17.74 10.60
CA LEU B 53 -1.67 18.24 11.20
C LEU B 53 -1.28 19.60 10.66
N VAL B 54 -1.34 19.80 9.32
CA VAL B 54 -0.99 21.07 8.72
C VAL B 54 -1.83 22.23 9.29
N ASP B 55 -3.15 22.08 9.22
CA ASP B 55 -4.08 23.08 9.71
C ASP B 55 -4.26 23.34 11.17
N CYS B 56 -4.02 22.33 12.02
CA CYS B 56 -4.18 22.48 13.45
C CYS B 56 -3.02 22.41 14.42
N SER B 57 -1.81 22.11 13.99
CA SER B 57 -0.75 22.03 14.96
C SER B 57 0.16 23.22 15.15
N ARG B 58 -0.31 24.40 14.74
CA ARG B 58 0.51 25.59 14.91
C ARG B 58 0.70 25.90 16.40
N PRO B 59 -0.26 25.53 17.29
CA PRO B 59 -0.07 25.83 18.72
C PRO B 59 1.13 25.10 19.25
N GLN B 60 1.35 23.88 18.73
CA GLN B 60 2.46 23.07 19.15
C GLN B 60 3.76 23.48 18.49
N GLY B 61 3.74 24.55 17.69
CA GLY B 61 4.95 24.99 17.03
C GLY B 61 5.13 24.67 15.57
N ASN B 62 4.21 23.93 14.97
CA ASN B 62 4.40 23.63 13.55
C ASN B 62 3.94 24.81 12.76
N GLN B 63 4.35 24.91 11.50
CA GLN B 63 3.96 26.03 10.67
C GLN B 63 3.22 25.63 9.39
N GLY B 64 2.45 24.52 9.47
CA GLY B 64 1.70 24.03 8.32
C GLY B 64 2.53 23.81 7.08
N CYS B 65 2.23 24.59 6.01
CA CYS B 65 2.96 24.48 4.75
C CYS B 65 4.36 25.09 4.74
N ASN B 66 4.82 25.69 5.87
CA ASN B 66 6.15 26.29 5.91
C ASN B 66 7.11 25.52 6.76
N GLY B 67 6.75 24.30 7.07
CA GLY B 67 7.60 23.46 7.87
C GLY B 67 7.00 23.02 9.18
N GLY B 68 7.67 22.07 9.80
CA GLY B 68 7.19 21.58 11.07
C GLY B 68 8.07 20.46 11.54
N PHE B 69 7.64 19.82 12.62
CA PHE B 69 8.40 18.73 13.20
C PHE B 69 7.52 17.59 13.58
N MET B 70 8.04 16.38 13.38
CA MET B 70 7.32 15.16 13.69
C MET B 70 6.98 15.09 15.15
N ALA B 71 7.94 15.42 15.97
CA ALA B 71 7.70 15.37 17.37
C ALA B 71 6.63 16.31 17.72
N ARG B 72 6.61 17.47 17.08
CA ARG B 72 5.56 18.40 17.41
C ARG B 72 4.23 17.92 16.95
N ALA B 73 4.22 17.07 15.95
CA ALA B 73 2.95 16.57 15.46
C ALA B 73 2.41 15.58 16.41
N PHE B 74 3.24 14.77 16.97
CA PHE B 74 2.70 13.80 17.89
C PHE B 74 2.31 14.51 19.18
N GLN B 75 2.81 15.73 19.39
CA GLN B 75 2.46 16.44 20.61
C GLN B 75 1.07 16.88 20.46
N TYR B 76 0.77 17.30 19.27
CA TYR B 76 -0.55 17.77 18.95
C TYR B 76 -1.57 16.70 19.06
N VAL B 77 -1.25 15.48 18.68
CA VAL B 77 -2.20 14.39 18.75
C VAL B 77 -2.52 14.17 20.17
N LYS B 78 -1.52 14.29 21.01
CA LYS B 78 -1.68 14.09 22.43
C LYS B 78 -2.50 15.21 23.00
N GLU B 79 -2.12 16.45 22.75
CA GLU B 79 -2.86 17.58 23.27
C GLU B 79 -4.29 17.55 22.80
N ASN B 80 -4.47 17.33 21.54
CA ASN B 80 -5.79 17.30 20.95
C ASN B 80 -6.64 16.14 21.33
N GLY B 81 -6.02 15.04 21.65
CA GLY B 81 -6.80 13.87 22.02
C GLY B 81 -7.20 12.99 20.86
N GLY B 82 -6.70 13.30 19.69
CA GLY B 82 -7.05 12.50 18.54
C GLY B 82 -6.51 13.06 17.24
N LEU B 83 -6.77 12.34 16.16
CA LEU B 83 -6.35 12.72 14.81
C LEU B 83 -7.28 12.08 13.82
N ASP B 84 -7.86 12.87 12.96
CA ASP B 84 -8.80 12.34 11.96
C ASP B 84 -8.19 11.55 10.81
N SER B 85 -9.03 10.68 10.19
CA SER B 85 -8.61 9.86 9.08
C SER B 85 -8.48 10.74 7.83
N GLU B 86 -7.67 10.31 6.87
CA GLU B 86 -7.51 11.09 5.66
C GLU B 86 -8.85 11.10 4.95
N GLU B 87 -9.59 9.98 5.02
CA GLU B 87 -10.90 9.92 4.37
C GLU B 87 -11.85 11.04 4.83
N SER B 88 -11.89 11.35 6.11
CA SER B 88 -12.78 12.41 6.59
C SER B 88 -12.18 13.83 6.53
N TYR B 89 -10.85 13.93 6.42
CA TYR B 89 -10.10 15.18 6.37
C TYR B 89 -9.01 15.06 5.28
N PRO B 90 -9.42 15.20 4.02
CA PRO B 90 -8.50 15.08 2.87
C PRO B 90 -7.45 16.15 2.71
N TYR B 91 -6.38 15.74 2.05
CA TYR B 91 -5.23 16.58 1.77
C TYR B 91 -5.42 17.41 0.53
N VAL B 92 -5.30 18.73 0.69
CA VAL B 92 -5.46 19.64 -0.43
C VAL B 92 -4.19 20.42 -0.71
N ALA B 93 -3.15 20.06 0.01
CA ALA B 93 -1.82 20.68 -0.14
C ALA B 93 -1.65 22.18 -0.01
N VAL B 94 -2.44 22.79 0.84
CA VAL B 94 -2.42 24.21 1.10
C VAL B 94 -2.72 24.32 2.58
N ASP B 95 -2.45 25.48 3.13
CA ASP B 95 -2.65 25.77 4.52
C ASP B 95 -4.08 26.24 4.74
N GLU B 96 -4.87 25.53 5.53
CA GLU B 96 -6.25 25.98 5.74
C GLU B 96 -6.68 26.02 7.20
N ILE B 97 -7.95 26.43 7.44
CA ILE B 97 -8.44 26.49 8.81
C ILE B 97 -8.69 25.11 9.38
N CYS B 98 -8.32 24.92 10.67
CA CYS B 98 -8.49 23.68 11.36
C CYS B 98 -9.97 23.26 11.26
N LYS B 99 -10.21 21.99 10.89
CA LYS B 99 -11.55 21.43 10.75
C LYS B 99 -11.61 20.13 11.54
N TYR B 100 -10.75 19.98 12.55
CA TYR B 100 -10.77 18.74 13.32
C TYR B 100 -12.12 18.42 13.95
N ARG B 101 -12.45 17.12 13.97
CA ARG B 101 -13.70 16.66 14.55
C ARG B 101 -13.40 15.39 15.34
N PRO B 102 -13.71 15.38 16.65
CA PRO B 102 -13.45 14.22 17.50
C PRO B 102 -14.13 12.95 17.00
N GLU B 103 -15.32 13.11 16.45
CA GLU B 103 -16.14 12.03 15.91
C GLU B 103 -15.48 11.31 14.75
N ASN B 104 -14.46 11.95 14.17
CA ASN B 104 -13.80 11.31 13.06
C ASN B 104 -12.38 10.88 13.37
N SER B 105 -12.00 10.95 14.65
CA SER B 105 -10.66 10.56 15.08
C SER B 105 -10.53 9.04 14.95
N VAL B 106 -9.30 8.53 14.68
CA VAL B 106 -9.06 7.09 14.51
C VAL B 106 -7.69 6.75 15.05
N ALA B 107 -7.02 7.74 15.61
CA ALA B 107 -5.70 7.52 16.17
C ALA B 107 -5.49 8.43 17.38
N GLN B 108 -4.61 7.99 18.25
CA GLN B 108 -4.28 8.71 19.47
C GLN B 108 -2.87 8.30 19.87
N ASP B 109 -2.18 9.16 20.62
CA ASP B 109 -0.84 8.93 21.11
C ASP B 109 -0.70 9.65 22.44
N THR B 110 0.14 9.10 23.32
CA THR B 110 0.35 9.69 24.63
C THR B 110 1.66 10.44 24.72
N GLY B 111 2.29 10.61 23.58
CA GLY B 111 3.57 11.29 23.53
C GLY B 111 4.42 10.62 22.49
N PHE B 112 5.73 10.69 22.67
CA PHE B 112 6.63 10.07 21.71
C PHE B 112 7.95 9.68 22.35
N THR B 113 8.68 8.83 21.64
CA THR B 113 9.96 8.34 22.07
C THR B 113 11.00 8.75 21.10
N VAL B 114 12.18 9.04 21.58
CA VAL B 114 13.25 9.45 20.71
C VAL B 114 14.31 8.41 20.64
N VAL B 115 14.97 8.32 19.55
CA VAL B 115 16.00 7.33 19.41
C VAL B 115 17.28 8.04 19.73
N ALA B 116 18.26 7.33 20.27
CA ALA B 116 19.53 7.95 20.62
C ALA B 116 20.03 8.70 19.45
N PRO B 117 20.10 10.01 19.54
CA PRO B 117 20.59 10.65 18.35
C PRO B 117 21.91 10.28 17.82
N GLY B 118 21.90 10.08 16.53
CA GLY B 118 23.10 9.70 15.82
C GLY B 118 23.46 8.24 15.90
N LYS B 119 22.76 7.45 16.70
CA LYS B 119 23.16 6.05 16.73
C LYS B 119 22.48 5.20 15.71
N GLU B 120 23.18 4.89 14.65
CA GLU B 120 22.61 4.06 13.61
C GLU B 120 22.16 2.72 14.17
N LYS B 121 22.91 2.17 15.11
CA LYS B 121 22.52 0.89 15.66
C LYS B 121 21.33 1.04 16.53
N ALA B 122 21.15 2.20 17.12
CA ALA B 122 19.98 2.38 17.97
C ALA B 122 18.70 2.43 17.11
N LEU B 123 18.82 2.95 15.87
CA LEU B 123 17.72 3.08 14.93
C LEU B 123 17.34 1.72 14.41
N MET B 124 18.35 0.95 13.99
CA MET B 124 18.16 -0.39 13.46
C MET B 124 17.36 -1.14 14.51
N LYS B 125 17.70 -0.93 15.79
CA LYS B 125 17.01 -1.60 16.87
C LYS B 125 15.55 -1.16 16.99
N ALA B 126 15.26 0.14 16.77
CA ALA B 126 13.91 0.65 16.86
C ALA B 126 13.04 0.11 15.72
N VAL B 127 13.59 0.13 14.50
CA VAL B 127 12.87 -0.35 13.33
C VAL B 127 12.48 -1.80 13.50
N ALA B 128 13.43 -2.58 13.93
CA ALA B 128 13.20 -3.99 14.13
C ALA B 128 12.25 -4.31 15.25
N THR B 129 12.05 -3.41 16.19
CA THR B 129 11.15 -3.81 17.23
C THR B 129 9.90 -3.02 17.37
N VAL B 130 9.84 -1.81 16.85
CA VAL B 130 8.62 -1.04 16.99
C VAL B 130 7.74 -0.95 15.77
N GLY B 131 8.38 -0.78 14.64
CA GLY B 131 7.68 -0.67 13.39
C GLY B 131 8.32 0.50 12.68
N PRO B 132 7.61 1.15 11.78
CA PRO B 132 8.22 2.28 11.09
C PRO B 132 8.58 3.48 11.94
N ILE B 133 9.73 4.11 11.70
CA ILE B 133 10.13 5.27 12.48
C ILE B 133 10.26 6.58 11.71
N SER B 134 9.78 7.68 12.27
CA SER B 134 9.89 8.95 11.57
C SER B 134 11.30 9.42 11.71
N VAL B 135 11.86 9.99 10.68
CA VAL B 135 13.24 10.48 10.75
C VAL B 135 13.43 11.67 9.86
N ALA B 136 14.46 12.45 10.13
CA ALA B 136 14.73 13.63 9.34
C ALA B 136 15.94 13.34 8.53
N MET B 137 16.15 14.07 7.45
CA MET B 137 17.32 13.82 6.63
C MET B 137 17.64 14.99 5.77
N ASP B 138 18.84 14.92 5.19
CA ASP B 138 19.34 15.94 4.30
C ASP B 138 19.09 15.41 2.92
N ALA B 139 17.98 15.84 2.38
CA ALA B 139 17.52 15.48 1.05
C ALA B 139 17.82 16.64 0.11
N GLY B 140 18.63 17.60 0.60
CA GLY B 140 18.96 18.76 -0.21
C GLY B 140 19.95 18.63 -1.34
N HIS B 141 19.79 17.62 -2.22
CA HIS B 141 20.71 17.44 -3.33
C HIS B 141 19.97 16.99 -4.56
N SER B 142 20.47 17.41 -5.73
CA SER B 142 19.82 17.02 -6.97
C SER B 142 19.87 15.53 -7.14
N SER B 143 20.90 14.89 -6.56
CA SER B 143 20.98 13.43 -6.69
C SER B 143 19.71 12.84 -6.02
N PHE B 144 19.17 13.54 -5.00
CA PHE B 144 17.98 13.02 -4.34
C PHE B 144 16.75 13.20 -5.21
N GLN B 145 16.62 14.38 -5.81
CA GLN B 145 15.50 14.66 -6.67
C GLN B 145 15.44 13.76 -7.90
N PHE B 146 16.60 13.38 -8.44
CA PHE B 146 16.60 12.53 -9.62
C PHE B 146 16.90 11.06 -9.35
N TYR B 147 16.87 10.69 -8.08
CA TYR B 147 17.14 9.30 -7.69
C TYR B 147 16.17 8.30 -8.33
N LYS B 148 16.67 7.09 -8.72
CA LYS B 148 15.81 6.10 -9.34
C LYS B 148 15.91 4.68 -8.74
N SER B 149 17.13 4.17 -8.46
CA SER B 149 17.28 2.84 -7.90
C SER B 149 18.64 2.68 -7.25
N GLY B 150 18.84 1.52 -6.60
CA GLY B 150 20.11 1.28 -5.95
C GLY B 150 20.23 1.99 -4.62
N ILE B 151 21.43 1.93 -4.04
CA ILE B 151 21.66 2.57 -2.76
C ILE B 151 22.07 4.02 -2.96
N TYR B 152 21.37 4.89 -2.28
CA TYR B 152 21.62 6.30 -2.38
C TYR B 152 22.75 6.80 -1.52
N PHE B 153 23.82 7.24 -2.16
CA PHE B 153 24.98 7.76 -1.45
C PHE B 153 25.29 9.10 -2.11
N GLU B 154 25.26 10.14 -1.31
CA GLU B 154 25.52 11.49 -1.76
C GLU B 154 26.74 12.01 -0.99
N PRO B 155 27.86 12.22 -1.69
CA PRO B 155 29.06 12.69 -1.01
C PRO B 155 28.89 13.97 -0.18
N ASP B 156 28.09 14.92 -0.67
CA ASP B 156 27.89 16.16 0.06
C ASP B 156 26.82 16.09 1.12
N CYS B 157 26.24 14.91 1.32
CA CYS B 157 25.20 14.83 2.33
C CYS B 157 25.69 15.11 3.73
N SER B 158 24.87 15.83 4.46
CA SER B 158 25.13 16.24 5.82
C SER B 158 24.24 15.48 6.79
N SER B 159 24.83 15.03 7.89
CA SER B 159 24.11 14.28 8.91
C SER B 159 23.56 15.22 9.95
N LYS B 160 23.50 16.51 9.63
CA LYS B 160 22.98 17.48 10.59
C LYS B 160 22.11 18.59 10.00
N ASN B 161 22.39 19.01 8.75
CA ASN B 161 21.60 20.07 8.15
C ASN B 161 20.46 19.47 7.34
N LEU B 162 19.52 18.86 8.09
CA LEU B 162 18.31 18.19 7.61
C LEU B 162 17.26 19.15 7.10
N ASP B 163 16.56 18.76 6.02
CA ASP B 163 15.54 19.60 5.43
C ASP B 163 14.33 18.78 4.94
N HIS B 164 14.18 17.53 5.44
CA HIS B 164 13.06 16.72 5.00
C HIS B 164 12.75 15.48 5.86
N GLY B 165 11.51 15.40 6.35
CA GLY B 165 11.08 14.28 7.17
C GLY B 165 10.54 13.17 6.29
N VAL B 166 11.04 11.94 6.53
CA VAL B 166 10.72 10.72 5.84
C VAL B 166 10.38 9.64 6.85
N LEU B 167 10.16 8.41 6.35
CA LEU B 167 9.82 7.31 7.25
C LEU B 167 10.61 6.11 6.94
N VAL B 168 11.24 5.54 7.96
CA VAL B 168 12.04 4.35 7.71
C VAL B 168 11.13 3.13 7.93
N VAL B 169 10.77 2.43 6.84
CA VAL B 169 9.91 1.26 6.95
C VAL B 169 10.68 -0.05 7.08
N GLY B 170 12.02 0.04 7.18
CA GLY B 170 12.84 -1.16 7.31
C GLY B 170 14.28 -0.90 6.94
N TYR B 171 15.01 -1.96 6.66
CA TYR B 171 16.41 -1.91 6.27
C TYR B 171 16.75 -3.27 5.69
N GLY B 172 17.90 -3.38 5.08
CA GLY B 172 18.31 -4.63 4.48
C GLY B 172 19.68 -4.45 3.86
N PHE B 173 19.96 -5.23 2.81
CA PHE B 173 21.23 -5.18 2.12
C PHE B 173 21.07 -5.71 0.71
N GLU B 174 21.90 -5.22 -0.19
CA GLU B 174 21.87 -5.63 -1.58
C GLU B 174 22.83 -6.79 -1.67
N GLY B 175 22.71 -7.61 -2.70
CA GLY B 175 23.62 -8.74 -2.84
C GLY B 175 23.47 -9.85 -1.82
N ALA B 176 24.57 -10.58 -1.57
CA ALA B 176 24.49 -11.67 -0.60
C ALA B 176 25.20 -11.47 0.70
N ASN B 177 25.95 -10.38 0.85
CA ASN B 177 26.59 -10.26 2.13
C ASN B 177 25.80 -9.41 3.03
N SER B 178 25.18 -10.05 4.01
CA SER B 178 24.35 -9.40 5.00
C SER B 178 25.04 -8.19 5.61
N GLN B 179 26.36 -8.15 5.53
CA GLN B 179 27.07 -7.04 6.09
C GLN B 179 27.51 -6.00 5.11
N ASN B 180 27.56 -6.33 3.82
CA ASN B 180 28.00 -5.24 2.98
C ASN B 180 26.97 -4.71 2.08
N SER B 181 26.95 -3.37 2.03
CA SER B 181 26.07 -2.52 1.25
C SER B 181 24.66 -2.59 1.79
N LYS B 182 24.55 -2.25 3.06
CA LYS B 182 23.30 -2.24 3.77
C LYS B 182 22.63 -0.93 3.44
N TYR B 183 21.35 -0.82 3.77
CA TYR B 183 20.63 0.39 3.49
C TYR B 183 19.40 0.41 4.33
N TRP B 184 18.77 1.57 4.34
CA TRP B 184 17.56 1.80 5.10
C TRP B 184 16.49 1.92 4.06
N LEU B 185 15.33 1.37 4.34
CA LEU B 185 14.22 1.46 3.39
C LEU B 185 13.48 2.69 3.77
N VAL B 186 13.40 3.62 2.83
CA VAL B 186 12.69 4.86 3.16
C VAL B 186 11.54 5.21 2.26
N LYS B 187 10.36 5.46 2.88
CA LYS B 187 9.14 5.83 2.24
C LYS B 187 9.19 7.37 2.15
N ASN B 188 8.90 7.94 0.96
CA ASN B 188 8.92 9.40 0.80
C ASN B 188 7.49 9.91 0.58
N SER B 189 7.29 11.26 0.53
CA SER B 189 5.94 11.79 0.30
C SER B 189 5.98 12.65 -0.94
N TRP B 190 6.60 12.16 -2.00
CA TRP B 190 6.67 12.90 -3.25
C TRP B 190 5.87 12.19 -4.31
N GLY B 191 5.01 11.25 -3.89
CA GLY B 191 4.21 10.51 -4.84
C GLY B 191 4.89 9.24 -5.30
N PRO B 192 4.12 8.35 -5.97
CA PRO B 192 4.63 7.07 -6.47
C PRO B 192 5.57 7.19 -7.65
N GLU B 193 5.49 8.33 -8.31
CA GLU B 193 6.33 8.57 -9.47
C GLU B 193 7.80 8.89 -9.18
N TRP B 194 8.06 9.47 -8.02
CA TRP B 194 9.42 9.82 -7.66
C TRP B 194 10.20 8.61 -7.22
N GLY B 195 11.51 8.64 -7.45
CA GLY B 195 12.37 7.54 -7.06
C GLY B 195 11.96 6.13 -7.41
N SER B 196 12.11 5.25 -6.43
CA SER B 196 11.76 3.85 -6.61
C SER B 196 10.32 3.67 -6.17
N ASN B 197 9.45 4.19 -7.00
CA ASN B 197 8.01 4.13 -6.77
C ASN B 197 7.70 4.71 -5.40
N GLY B 198 8.28 5.90 -5.12
CA GLY B 198 8.06 6.57 -3.86
C GLY B 198 9.01 6.23 -2.74
N TYR B 199 9.86 5.23 -2.97
CA TYR B 199 10.86 4.78 -2.00
C TYR B 199 12.29 5.01 -2.42
N VAL B 200 13.19 4.94 -1.43
CA VAL B 200 14.62 5.12 -1.66
C VAL B 200 15.39 4.30 -0.64
N LYS B 201 16.48 3.66 -1.08
CA LYS B 201 17.27 2.87 -0.17
C LYS B 201 18.40 3.86 0.14
N ILE B 202 18.62 4.17 1.42
CA ILE B 202 19.69 5.10 1.76
C ILE B 202 20.80 4.34 2.46
N ALA B 203 22.07 4.59 2.05
CA ALA B 203 23.21 3.89 2.65
C ALA B 203 23.11 3.85 4.17
N LYS B 204 23.30 2.66 4.71
CA LYS B 204 23.24 2.38 6.15
C LYS B 204 24.61 2.00 6.74
N ASP B 205 24.85 2.45 7.96
CA ASP B 205 26.10 2.20 8.68
C ASP B 205 27.30 2.68 7.86
N LYS B 206 27.19 3.94 7.43
CA LYS B 206 28.17 4.66 6.64
C LYS B 206 28.19 6.03 7.31
N ASN B 207 28.35 5.98 8.63
CA ASN B 207 28.40 7.13 9.50
C ASN B 207 27.20 8.06 9.46
N ASN B 208 26.01 7.50 9.73
CA ASN B 208 24.77 8.25 9.73
C ASN B 208 24.62 9.05 8.46
N HIS B 209 24.70 8.36 7.31
CA HIS B 209 24.57 9.05 6.04
C HIS B 209 23.26 9.82 5.89
N CYS B 210 23.36 11.11 5.51
CA CYS B 210 22.24 12.02 5.30
C CYS B 210 21.50 12.40 6.57
N GLY B 211 22.03 11.99 7.72
CA GLY B 211 21.39 12.30 8.98
C GLY B 211 20.19 11.46 9.35
N ILE B 212 20.01 10.33 8.65
CA ILE B 212 18.90 9.43 8.91
C ILE B 212 18.65 9.14 10.39
N ALA B 213 19.73 9.00 11.16
CA ALA B 213 19.56 8.72 12.59
C ALA B 213 19.73 9.89 13.56
N THR B 214 19.82 11.13 13.04
CA THR B 214 19.98 12.32 13.87
C THR B 214 18.74 12.74 14.65
N ALA B 215 17.55 12.65 14.04
CA ALA B 215 16.31 13.05 14.70
C ALA B 215 15.17 12.06 14.42
N ALA B 216 15.36 10.83 14.89
CA ALA B 216 14.43 9.73 14.74
C ALA B 216 13.48 9.64 15.93
N SER B 217 12.20 9.36 15.67
CA SER B 217 11.23 9.26 16.74
C SER B 217 10.00 8.49 16.30
N TYR B 218 9.16 8.14 17.28
CA TYR B 218 7.94 7.40 17.00
C TYR B 218 6.89 7.71 18.05
N PRO B 219 5.61 7.45 17.75
CA PRO B 219 4.60 7.77 18.77
C PRO B 219 4.27 6.61 19.67
N ASN B 220 3.90 6.89 20.93
CA ASN B 220 3.55 5.82 21.85
C ASN B 220 2.02 5.82 21.75
N VAL B 221 1.40 4.73 21.29
CA VAL B 221 -0.06 4.73 21.17
C VAL B 221 -0.96 3.91 22.10
N ARG C 1 -2.32 -14.45 -16.17
CA ARG C 1 -1.03 -14.97 -16.59
C ARG C 1 0.17 -14.64 -15.73
N LEU C 2 1.27 -15.34 -16.01
CA LEU C 2 2.51 -15.15 -15.27
C LEU C 2 3.39 -14.03 -15.75
N SER C 3 4.20 -13.55 -14.82
CA SER C 3 5.15 -12.47 -15.04
C SER C 3 6.19 -13.01 -16.01
N ALA C 4 6.57 -12.17 -16.96
CA ALA C 4 7.56 -12.48 -18.00
C ALA C 4 8.87 -12.86 -17.40
N LYS C 5 9.20 -12.17 -16.32
CA LYS C 5 10.39 -12.29 -15.53
C LYS C 5 10.73 -13.74 -15.36
N ARG D 1 11.22 19.03 2.59
CA ARG D 1 11.34 19.87 1.41
C ARG D 1 10.23 19.56 0.42
N LEU D 2 9.89 20.59 -0.36
CA LEU D 2 8.87 20.57 -1.38
C LEU D 2 9.01 19.46 -2.40
N SER D 3 7.88 18.90 -2.81
CA SER D 3 7.79 17.83 -3.77
C SER D 3 8.28 18.20 -5.16
N ALA D 4 9.02 17.27 -5.79
CA ALA D 4 9.56 17.48 -7.13
C ALA D 4 8.62 16.91 -8.18
N LYS D 5 7.45 16.43 -7.75
CA LYS D 5 6.48 15.85 -8.67
C LYS D 5 5.15 16.52 -8.47
N PRO D 6 4.45 16.81 -9.56
CA PRO D 6 3.15 17.44 -9.41
C PRO D 6 2.04 16.52 -8.97
#